data_1AOC
#
_entry.id   1AOC
#
_cell.length_a   52.200
_cell.length_b   52.200
_cell.length_c   232.200
_cell.angle_alpha   90.00
_cell.angle_beta   90.00
_cell.angle_gamma   120.00
#
_symmetry.space_group_name_H-M   'P 32 2 1'
#
loop_
_entity.id
_entity.type
_entity.pdbx_description
1 polymer COAGULOGEN
2 non-polymer 'SULFATE ION'
3 water water
#
_entity_poly.entity_id   1
_entity_poly.type   'polypeptide(L)'
_entity_poly.pdbx_seq_one_letter_code
;ADTNAPICLCDEPGVLGRTQIVTTEIKDKIEKAVEAVAQESGVSGRGFSIFSHHPVFRECGKYECRTVRPEHSRCYNFPP
FTHFKSECPVSTRDCEPVFGYTVAGEFRVIVQAPRAGFRQCVWQHKCRFGSNSCGYNGRCTQQRSVVRLVTYNLEKDGFL
CESFRTCCGCPCRSF
;
_entity_poly.pdbx_strand_id   A,B
#
# COMPACT_ATOMS: atom_id res chain seq x y z
N ALA A 1 -16.04 6.79 28.78
CA ALA A 1 -15.18 5.66 28.49
C ALA A 1 -13.70 6.05 28.60
N ASP A 2 -13.05 5.56 29.66
CA ASP A 2 -11.64 5.85 29.89
C ASP A 2 -10.80 5.34 28.73
N THR A 3 -10.57 4.03 28.68
CA THR A 3 -9.80 3.42 27.61
C THR A 3 -10.80 2.85 26.59
N ASN A 4 -10.95 3.55 25.46
CA ASN A 4 -11.88 3.14 24.43
C ASN A 4 -11.25 3.14 23.04
N ALA A 5 -11.48 2.06 22.29
CA ALA A 5 -10.96 1.92 20.94
C ALA A 5 -11.59 0.72 20.25
N PRO A 6 -12.18 0.93 19.05
CA PRO A 6 -12.82 -0.12 18.26
C PRO A 6 -11.83 -1.20 17.83
N ILE A 7 -10.66 -0.75 17.40
CA ILE A 7 -9.55 -1.61 16.95
C ILE A 7 -9.82 -2.53 15.73
N CYS A 8 -9.30 -2.12 14.57
CA CYS A 8 -9.42 -2.88 13.34
C CYS A 8 -8.28 -3.86 13.21
N LEU A 9 -8.47 -4.88 12.38
CA LEU A 9 -7.44 -5.89 12.16
C LEU A 9 -6.20 -5.18 11.64
N CYS A 10 -5.05 -5.57 12.16
CA CYS A 10 -3.75 -5.00 11.79
C CYS A 10 -3.53 -3.55 12.21
N ASP A 11 -4.48 -2.94 12.93
CA ASP A 11 -4.34 -1.53 13.38
C ASP A 11 -3.08 -1.36 14.20
N GLU A 12 -2.34 -0.27 13.94
CA GLU A 12 -1.11 0.02 14.67
C GLU A 12 -0.64 1.41 14.25
N PRO A 13 -0.31 2.27 15.22
CA PRO A 13 0.16 3.64 14.98
C PRO A 13 1.42 3.76 14.13
N GLY A 14 2.46 2.98 14.47
CA GLY A 14 3.70 3.03 13.75
C GLY A 14 3.68 2.44 12.35
N VAL A 15 3.03 3.13 11.42
CA VAL A 15 2.92 2.71 10.02
C VAL A 15 2.13 1.40 9.86
N LEU A 16 1.29 1.10 10.85
CA LEU A 16 0.47 -0.10 10.85
C LEU A 16 1.28 -1.39 10.70
N GLY A 17 2.01 -1.73 11.75
CA GLY A 17 2.83 -2.93 11.73
C GLY A 17 2.47 -3.90 12.84
N ARG A 18 3.48 -4.53 13.44
CA ARG A 18 3.27 -5.48 14.52
C ARG A 18 3.51 -4.80 15.86
N THR A 19 2.61 -5.03 16.82
CA THR A 19 2.75 -4.45 18.14
C THR A 19 3.75 -5.27 18.95
N GLN A 20 3.40 -6.53 19.20
CA GLN A 20 4.25 -7.45 19.93
C GLN A 20 4.68 -8.58 19.00
N ILE A 21 5.63 -9.39 19.44
CA ILE A 21 6.11 -10.50 18.63
C ILE A 21 5.74 -11.84 19.25
N VAL A 22 4.82 -12.55 18.60
CA VAL A 22 4.36 -13.85 19.08
C VAL A 22 5.49 -14.87 19.10
N THR A 23 5.54 -15.66 20.16
CA THR A 23 6.57 -16.69 20.35
C THR A 23 6.56 -17.69 19.20
N THR A 24 7.75 -18.04 18.71
CA THR A 24 7.85 -19.01 17.62
C THR A 24 7.29 -20.33 18.09
N GLU A 25 7.38 -20.59 19.39
CA GLU A 25 6.85 -21.80 19.93
C GLU A 25 5.34 -21.85 19.68
N ILE A 26 4.65 -20.71 19.83
CA ILE A 26 3.22 -20.67 19.59
C ILE A 26 2.94 -20.98 18.11
N LYS A 27 3.65 -20.30 17.21
CA LYS A 27 3.51 -20.53 15.78
C LYS A 27 3.71 -22.00 15.45
N ASP A 28 4.64 -22.63 16.16
CA ASP A 28 4.96 -24.04 16.01
C ASP A 28 3.79 -24.91 16.41
N LYS A 29 3.20 -24.56 17.55
CA LYS A 29 2.05 -25.29 18.05
C LYS A 29 0.89 -25.21 17.05
N ILE A 30 0.68 -24.03 16.49
CA ILE A 30 -0.38 -23.79 15.54
C ILE A 30 -0.12 -24.56 14.28
N GLU A 31 1.08 -24.45 13.72
CA GLU A 31 1.40 -25.20 12.49
C GLU A 31 1.08 -26.69 12.67
N LYS A 32 1.51 -27.24 13.81
CA LYS A 32 1.30 -28.64 14.11
C LYS A 32 -0.15 -28.99 14.13
N ALA A 33 -0.93 -28.22 14.91
CA ALA A 33 -2.37 -28.42 15.02
C ALA A 33 -3.07 -28.36 13.65
N VAL A 34 -2.66 -27.41 12.82
CA VAL A 34 -3.25 -27.29 11.49
C VAL A 34 -2.83 -28.49 10.66
N GLU A 35 -1.61 -28.99 10.85
CA GLU A 35 -1.19 -30.19 10.11
C GLU A 35 -2.06 -31.37 10.54
N ALA A 36 -2.30 -31.48 11.84
CA ALA A 36 -3.13 -32.53 12.40
C ALA A 36 -4.49 -32.49 11.71
N VAL A 37 -5.03 -31.28 11.52
CA VAL A 37 -6.34 -31.12 10.86
C VAL A 37 -6.26 -31.60 9.43
N ALA A 38 -5.22 -31.19 8.70
CA ALA A 38 -5.06 -31.58 7.30
C ALA A 38 -4.95 -33.10 7.14
N GLN A 39 -4.30 -33.76 8.10
CA GLN A 39 -4.14 -35.22 8.04
C GLN A 39 -5.44 -35.96 8.38
N GLU A 40 -6.17 -35.48 9.39
CA GLU A 40 -7.43 -36.11 9.73
C GLU A 40 -8.37 -36.04 8.51
N SER A 41 -7.93 -35.34 7.47
CA SER A 41 -8.68 -35.20 6.23
C SER A 41 -8.04 -36.12 5.20
N GLY A 42 -6.87 -35.73 4.68
CA GLY A 42 -6.19 -36.53 3.68
C GLY A 42 -6.85 -36.44 2.31
N VAL A 43 -8.08 -36.94 2.21
CA VAL A 43 -8.83 -36.93 0.97
C VAL A 43 -9.06 -35.49 0.50
N SER A 44 -9.04 -35.31 -0.82
CA SER A 44 -9.24 -34.00 -1.45
C SER A 44 -8.03 -33.10 -1.24
N GLY A 45 -6.83 -33.71 -1.28
CA GLY A 45 -5.60 -32.96 -1.11
C GLY A 45 -5.21 -32.17 -2.34
N ARG A 46 -6.03 -31.17 -2.68
CA ARG A 46 -5.77 -30.33 -3.83
C ARG A 46 -5.70 -28.85 -3.42
N GLY A 47 -6.28 -28.53 -2.26
CA GLY A 47 -6.28 -27.16 -1.78
C GLY A 47 -6.94 -27.05 -0.42
N PHE A 48 -7.66 -25.96 -0.19
CA PHE A 48 -8.36 -25.72 1.09
C PHE A 48 -9.18 -26.93 1.53
N SER A 49 -9.64 -27.70 0.56
CA SER A 49 -10.42 -28.90 0.80
C SER A 49 -9.87 -29.80 1.91
N ILE A 50 -8.57 -29.77 2.13
CA ILE A 50 -7.99 -30.59 3.18
C ILE A 50 -8.46 -30.11 4.56
N PHE A 51 -8.89 -28.85 4.63
CA PHE A 51 -9.38 -28.25 5.86
C PHE A 51 -10.90 -28.24 5.95
N SER A 52 -11.57 -28.40 4.81
CA SER A 52 -13.03 -28.36 4.72
C SER A 52 -13.83 -29.41 5.47
N HIS A 53 -13.15 -30.32 6.16
CA HIS A 53 -13.84 -31.37 6.91
C HIS A 53 -14.02 -30.95 8.36
N HIS A 54 -13.14 -30.08 8.84
CA HIS A 54 -13.27 -29.66 10.21
C HIS A 54 -14.31 -28.57 10.34
N PRO A 55 -15.27 -28.75 11.27
CA PRO A 55 -16.38 -27.84 11.59
C PRO A 55 -16.05 -26.32 11.65
N VAL A 56 -15.04 -25.98 12.45
CA VAL A 56 -14.66 -24.59 12.62
C VAL A 56 -14.12 -24.01 11.31
N PHE A 57 -13.23 -24.74 10.62
CA PHE A 57 -12.67 -24.25 9.36
C PHE A 57 -13.76 -24.05 8.31
N ARG A 58 -14.75 -24.94 8.33
CA ARG A 58 -15.89 -24.85 7.43
C ARG A 58 -16.70 -23.61 7.75
N GLU A 59 -16.80 -23.28 9.03
CA GLU A 59 -17.58 -22.15 9.44
C GLU A 59 -16.98 -20.80 9.17
N CYS A 60 -15.71 -20.61 9.51
CA CYS A 60 -15.11 -19.30 9.33
C CYS A 60 -13.66 -19.30 8.85
N GLY A 61 -13.23 -20.39 8.22
CA GLY A 61 -11.86 -20.48 7.78
C GLY A 61 -11.69 -20.19 6.32
N LYS A 62 -12.67 -19.56 5.68
CA LYS A 62 -12.58 -19.28 4.25
C LYS A 62 -12.02 -17.94 3.72
N TYR A 63 -11.40 -17.13 4.58
CA TYR A 63 -10.82 -15.86 4.13
C TYR A 63 -9.45 -16.24 3.67
N GLU A 64 -9.42 -17.03 2.62
CA GLU A 64 -8.19 -17.52 2.03
C GLU A 64 -7.33 -16.42 1.43
N CYS A 65 -6.11 -16.26 1.94
CA CYS A 65 -5.22 -15.23 1.41
C CYS A 65 -5.06 -15.34 -0.10
N ARG A 66 -5.09 -16.56 -0.62
CA ARG A 66 -4.96 -16.76 -2.06
C ARG A 66 -6.10 -16.22 -2.91
N THR A 67 -7.31 -16.11 -2.33
CA THR A 67 -8.52 -15.69 -3.07
C THR A 67 -9.15 -14.36 -2.72
N VAL A 68 -8.84 -13.86 -1.54
CA VAL A 68 -9.42 -12.61 -1.09
C VAL A 68 -8.85 -11.37 -1.76
N ARG A 69 -9.73 -10.67 -2.48
CA ARG A 69 -9.40 -9.43 -3.16
C ARG A 69 -9.84 -8.25 -2.29
N PRO A 70 -9.23 -7.08 -2.47
CA PRO A 70 -9.59 -5.91 -1.66
C PRO A 70 -11.04 -5.47 -1.67
N GLU A 71 -11.71 -5.58 -2.82
CA GLU A 71 -13.11 -5.14 -2.94
C GLU A 71 -14.09 -5.94 -2.09
N HIS A 72 -13.72 -7.18 -1.74
CA HIS A 72 -14.53 -8.08 -0.91
C HIS A 72 -14.71 -7.60 0.51
N SER A 73 -13.87 -6.66 0.93
CA SER A 73 -13.94 -6.15 2.27
C SER A 73 -14.29 -4.66 2.29
N ARG A 74 -14.77 -4.14 1.16
CA ARG A 74 -15.21 -2.75 1.11
C ARG A 74 -16.55 -2.79 1.82
N CYS A 75 -17.00 -1.70 2.41
CA CYS A 75 -18.26 -1.71 3.17
C CYS A 75 -19.46 -2.17 2.39
N TYR A 76 -19.47 -1.90 1.09
CA TYR A 76 -20.60 -2.29 0.24
C TYR A 76 -20.77 -3.78 0.06
N ASN A 77 -19.75 -4.54 0.46
CA ASN A 77 -19.81 -5.97 0.36
C ASN A 77 -20.12 -6.60 1.69
N PHE A 78 -20.47 -5.79 2.67
CA PHE A 78 -20.88 -6.27 3.99
C PHE A 78 -22.29 -5.71 4.22
N PRO A 79 -23.16 -6.41 4.97
CA PRO A 79 -24.50 -5.79 5.15
C PRO A 79 -24.35 -4.40 5.78
N PRO A 80 -25.30 -3.49 5.50
CA PRO A 80 -26.49 -3.65 4.67
C PRO A 80 -26.31 -3.63 3.16
N PHE A 81 -25.06 -3.71 2.70
CA PHE A 81 -24.73 -3.72 1.27
C PHE A 81 -25.08 -2.46 0.54
N THR A 82 -24.87 -1.32 1.19
CA THR A 82 -25.18 -0.07 0.54
C THR A 82 -23.90 0.71 0.21
N HIS A 83 -23.98 1.57 -0.80
CA HIS A 83 -22.85 2.37 -1.21
C HIS A 83 -22.86 3.77 -0.62
N PHE A 84 -21.67 4.32 -0.39
CA PHE A 84 -21.56 5.65 0.19
C PHE A 84 -21.80 6.65 -0.91
N LYS A 85 -22.48 7.75 -0.56
CA LYS A 85 -22.78 8.82 -1.51
C LYS A 85 -21.42 9.43 -1.81
N SER A 86 -20.69 9.79 -0.75
CA SER A 86 -19.37 10.35 -0.93
C SER A 86 -18.41 9.70 0.07
N GLU A 87 -17.29 9.20 -0.44
CA GLU A 87 -16.28 8.54 0.40
C GLU A 87 -14.96 9.25 0.21
N CYS A 88 -14.21 9.46 1.29
CA CYS A 88 -12.90 10.12 1.22
C CYS A 88 -11.85 9.16 0.64
N PRO A 89 -10.66 9.67 0.27
CA PRO A 89 -9.62 8.77 -0.27
C PRO A 89 -9.30 7.72 0.79
N VAL A 90 -9.10 6.49 0.33
CA VAL A 90 -8.85 5.33 1.19
C VAL A 90 -7.47 4.69 1.03
N SER A 91 -6.86 4.32 2.15
CA SER A 91 -5.57 3.63 2.15
C SER A 91 -5.92 2.14 2.35
N THR A 92 -5.53 1.31 1.38
CA THR A 92 -5.84 -0.12 1.37
C THR A 92 -4.60 -0.99 1.57
N ARG A 93 -4.66 -1.96 2.49
CA ARG A 93 -3.53 -2.84 2.73
C ARG A 93 -4.03 -4.21 3.07
N ASP A 94 -3.36 -5.25 2.57
CA ASP A 94 -3.80 -6.61 2.93
C ASP A 94 -3.34 -6.83 4.33
N CYS A 95 -4.10 -7.62 5.08
CA CYS A 95 -3.85 -7.86 6.48
C CYS A 95 -4.00 -9.36 6.68
N GLU A 96 -3.00 -9.93 7.32
CA GLU A 96 -2.88 -11.37 7.58
C GLU A 96 -2.32 -11.36 9.00
N PRO A 97 -3.19 -11.04 9.98
CA PRO A 97 -2.87 -10.94 11.41
C PRO A 97 -2.63 -12.23 12.17
N VAL A 98 -1.74 -12.18 13.15
CA VAL A 98 -1.46 -13.35 14.01
C VAL A 98 -2.18 -13.13 15.32
N PHE A 99 -2.61 -11.89 15.52
CA PHE A 99 -3.32 -11.55 16.74
C PHE A 99 -4.40 -10.52 16.42
N GLY A 100 -5.41 -10.45 17.28
CA GLY A 100 -6.48 -9.50 17.09
C GLY A 100 -7.27 -9.40 18.36
N TYR A 101 -7.99 -8.29 18.51
CA TYR A 101 -8.86 -8.05 19.66
C TYR A 101 -10.26 -8.21 19.12
N THR A 102 -11.02 -9.07 19.75
CA THR A 102 -12.36 -9.32 19.32
C THR A 102 -13.24 -8.12 19.54
N VAL A 103 -14.47 -8.27 19.05
CA VAL A 103 -15.55 -7.29 19.18
C VAL A 103 -15.69 -6.92 20.67
N ALA A 104 -15.57 -7.93 21.54
CA ALA A 104 -15.65 -7.81 23.00
C ALA A 104 -14.39 -7.25 23.64
N GLY A 105 -13.36 -6.96 22.83
CA GLY A 105 -12.12 -6.42 23.34
C GLY A 105 -11.06 -7.40 23.82
N GLU A 106 -11.36 -8.70 23.79
CA GLU A 106 -10.40 -9.71 24.23
C GLU A 106 -9.25 -9.87 23.26
N PHE A 107 -8.10 -10.29 23.78
CA PHE A 107 -6.94 -10.56 22.96
C PHE A 107 -7.03 -12.00 22.50
N ARG A 108 -6.78 -12.24 21.20
CA ARG A 108 -6.84 -13.58 20.65
C ARG A 108 -5.75 -13.82 19.64
N VAL A 109 -5.39 -15.09 19.50
CA VAL A 109 -4.42 -15.54 18.51
C VAL A 109 -5.23 -16.02 17.30
N ILE A 110 -4.98 -15.38 16.18
CA ILE A 110 -5.65 -15.70 14.94
C ILE A 110 -4.75 -16.66 14.21
N VAL A 111 -5.32 -17.77 13.76
CA VAL A 111 -4.58 -18.83 13.08
C VAL A 111 -4.02 -18.47 11.69
N GLN A 112 -2.70 -18.63 11.57
CA GLN A 112 -1.91 -18.40 10.36
C GLN A 112 -0.90 -19.55 10.38
N ALA A 113 -0.89 -20.38 9.35
CA ALA A 113 0.01 -21.52 9.25
C ALA A 113 0.40 -21.66 7.79
N PRO A 114 1.26 -20.75 7.33
CA PRO A 114 1.77 -20.67 5.96
C PRO A 114 2.41 -21.97 5.49
N ARG A 115 3.24 -22.58 6.32
CA ARG A 115 3.87 -23.83 5.93
C ARG A 115 2.82 -24.94 5.63
N ALA A 116 1.84 -25.06 6.53
CA ALA A 116 0.76 -26.03 6.41
C ALA A 116 -0.19 -25.66 5.27
N GLY A 117 -0.22 -24.38 4.90
CA GLY A 117 -1.07 -24.01 3.79
C GLY A 117 -2.36 -23.34 4.18
N PHE A 118 -2.47 -22.91 5.42
CA PHE A 118 -3.66 -22.18 5.87
C PHE A 118 -3.30 -20.74 6.26
N ARG A 119 -3.83 -19.75 5.52
CA ARG A 119 -3.56 -18.34 5.78
C ARG A 119 -4.85 -17.54 5.68
N GLN A 120 -5.08 -16.65 6.63
CA GLN A 120 -6.29 -15.81 6.64
C GLN A 120 -5.97 -14.34 6.38
N CYS A 121 -6.67 -13.78 5.42
CA CYS A 121 -6.49 -12.41 5.02
C CYS A 121 -7.81 -11.67 4.86
N VAL A 122 -7.75 -10.39 5.24
CA VAL A 122 -8.86 -9.43 5.09
C VAL A 122 -8.21 -8.07 4.86
N TRP A 123 -8.38 -7.56 3.65
CA TRP A 123 -7.84 -6.26 3.28
C TRP A 123 -8.52 -5.17 4.10
N GLN A 124 -7.72 -4.25 4.65
CA GLN A 124 -8.19 -3.13 5.44
C GLN A 124 -8.24 -1.88 4.60
N HIS A 125 -9.30 -1.11 4.75
CA HIS A 125 -9.48 0.12 3.99
C HIS A 125 -9.74 1.24 5.01
N LYS A 126 -8.74 2.09 5.20
CA LYS A 126 -8.84 3.18 6.16
C LYS A 126 -8.78 4.55 5.54
N CYS A 127 -9.25 5.54 6.29
CA CYS A 127 -9.23 6.93 5.85
C CYS A 127 -7.78 7.27 5.60
N ARG A 128 -7.50 7.67 4.37
CA ARG A 128 -6.16 8.01 3.93
C ARG A 128 -5.48 9.08 4.81
N PHE A 129 -6.21 10.13 5.16
CA PHE A 129 -5.65 11.19 5.98
C PHE A 129 -6.49 11.38 7.21
N GLY A 130 -6.69 10.30 7.95
CA GLY A 130 -7.48 10.37 9.16
C GLY A 130 -8.84 11.03 8.96
N SER A 131 -9.17 11.94 9.86
CA SER A 131 -10.45 12.60 9.80
C SER A 131 -10.41 14.06 9.37
N ASN A 132 -10.00 14.31 8.14
CA ASN A 132 -9.97 15.67 7.62
C ASN A 132 -11.37 16.07 7.11
N SER A 133 -11.54 17.36 6.83
CA SER A 133 -12.81 17.91 6.33
C SER A 133 -13.00 17.45 4.89
N CYS A 134 -14.24 17.19 4.48
CA CYS A 134 -14.44 16.66 3.14
C CYS A 134 -15.69 17.10 2.39
N GLY A 135 -16.79 17.30 3.09
CA GLY A 135 -17.97 17.71 2.36
C GLY A 135 -17.94 19.21 2.16
N TYR A 136 -19.11 19.77 1.91
CA TYR A 136 -19.19 21.20 1.82
C TYR A 136 -19.24 21.56 3.32
N ASN A 137 -19.38 20.51 4.14
CA ASN A 137 -19.48 20.58 5.60
C ASN A 137 -19.26 19.20 6.25
N GLY A 138 -18.70 18.24 5.51
CA GLY A 138 -18.50 16.89 6.05
C GLY A 138 -17.17 16.56 6.72
N ARG A 139 -17.06 15.33 7.21
CA ARG A 139 -15.86 14.89 7.90
C ARG A 139 -15.59 13.42 7.51
N CYS A 140 -14.33 13.11 7.22
CA CYS A 140 -13.91 11.75 6.84
C CYS A 140 -13.95 10.84 8.06
N THR A 141 -14.75 9.78 7.97
CA THR A 141 -14.90 8.87 9.10
C THR A 141 -14.70 7.42 8.73
N GLN A 142 -14.01 6.71 9.62
CA GLN A 142 -13.72 5.29 9.46
C GLN A 142 -14.96 4.47 9.73
N GLN A 143 -15.37 3.68 8.75
CA GLN A 143 -16.49 2.80 8.96
C GLN A 143 -15.89 1.40 9.12
N ARG A 144 -16.56 0.56 9.90
CA ARG A 144 -16.09 -0.80 10.14
C ARG A 144 -17.21 -1.77 9.96
N SER A 145 -16.84 -3.04 9.94
CA SER A 145 -17.82 -4.11 9.85
C SER A 145 -17.25 -5.22 10.75
N VAL A 146 -17.78 -6.42 10.68
CA VAL A 146 -17.28 -7.50 11.54
C VAL A 146 -17.07 -8.76 10.70
N VAL A 147 -15.92 -9.40 10.88
CA VAL A 147 -15.61 -10.66 10.18
C VAL A 147 -15.36 -11.73 11.23
N ARG A 148 -15.58 -12.98 10.87
CA ARG A 148 -15.35 -14.08 11.79
C ARG A 148 -14.13 -14.79 11.24
N LEU A 149 -13.16 -15.05 12.10
CA LEU A 149 -11.91 -15.69 11.70
C LEU A 149 -11.57 -16.82 12.64
N VAL A 150 -10.86 -17.82 12.14
CA VAL A 150 -10.48 -18.95 12.99
C VAL A 150 -9.38 -18.52 13.98
N THR A 151 -9.61 -18.73 15.27
CA THR A 151 -8.64 -18.38 16.30
C THR A 151 -8.15 -19.68 16.97
N TYR A 152 -7.07 -19.59 17.73
CA TYR A 152 -6.53 -20.78 18.40
C TYR A 152 -6.53 -20.61 19.91
N ASN A 153 -7.14 -21.57 20.60
CA ASN A 153 -7.20 -21.57 22.05
C ASN A 153 -5.98 -22.32 22.50
N LEU A 154 -5.05 -21.60 23.14
CA LEU A 154 -3.80 -22.19 23.63
C LEU A 154 -4.02 -23.24 24.72
N GLU A 155 -4.88 -22.93 25.68
CA GLU A 155 -5.20 -23.83 26.79
C GLU A 155 -5.76 -25.15 26.32
N LYS A 156 -6.95 -25.07 25.73
CA LYS A 156 -7.66 -26.24 25.25
C LYS A 156 -7.21 -26.75 23.88
N ASP A 157 -6.06 -26.28 23.42
CA ASP A 157 -5.52 -26.73 22.15
C ASP A 157 -6.56 -26.89 21.03
N GLY A 158 -7.55 -25.99 21.01
CA GLY A 158 -8.62 -26.05 20.03
C GLY A 158 -8.94 -24.77 19.24
N PHE A 159 -9.54 -24.95 18.07
CA PHE A 159 -9.89 -23.85 17.18
C PHE A 159 -11.26 -23.30 17.47
N LEU A 160 -11.50 -22.06 17.07
CA LEU A 160 -12.78 -21.42 17.35
C LEU A 160 -12.99 -20.22 16.46
N CYS A 161 -14.23 -19.95 16.10
CA CYS A 161 -14.54 -18.77 15.29
C CYS A 161 -14.78 -17.64 16.27
N GLU A 162 -14.28 -16.46 15.95
CA GLU A 162 -14.45 -15.31 16.80
C GLU A 162 -14.67 -14.11 15.93
N SER A 163 -15.24 -13.07 16.53
CA SER A 163 -15.58 -11.85 15.81
C SER A 163 -14.57 -10.76 15.95
N PHE A 164 -14.19 -10.15 14.83
CA PHE A 164 -13.24 -9.06 14.81
C PHE A 164 -13.75 -7.89 13.96
N ARG A 165 -13.39 -6.69 14.35
CA ARG A 165 -13.78 -5.53 13.58
C ARG A 165 -12.80 -5.37 12.44
N THR A 166 -13.32 -5.05 11.27
CA THR A 166 -12.50 -4.88 10.09
C THR A 166 -12.84 -3.51 9.52
N CYS A 167 -11.82 -2.84 8.98
CA CYS A 167 -11.95 -1.51 8.42
C CYS A 167 -12.32 -1.62 6.96
N CYS A 168 -13.53 -1.16 6.64
CA CYS A 168 -14.05 -1.30 5.31
C CYS A 168 -14.17 -0.06 4.45
N GLY A 169 -14.12 1.14 5.02
CA GLY A 169 -14.26 2.33 4.19
C GLY A 169 -14.13 3.60 4.98
N CYS A 170 -14.22 4.71 4.27
CA CYS A 170 -14.09 6.03 4.86
C CYS A 170 -15.15 6.98 4.32
N PRO A 171 -16.42 6.79 4.71
CA PRO A 171 -17.47 7.69 4.23
C PRO A 171 -17.27 9.13 4.72
N CYS A 172 -17.54 10.10 3.86
CA CYS A 172 -17.47 11.49 4.25
C CYS A 172 -18.86 11.77 4.91
N ARG A 173 -18.90 11.74 6.23
CA ARG A 173 -20.15 11.94 6.95
C ARG A 173 -20.19 13.39 7.42
N SER A 174 -21.37 13.97 7.58
CA SER A 174 -21.47 15.34 8.10
C SER A 174 -21.15 15.25 9.59
N PHE A 175 -19.87 15.04 9.87
CA PHE A 175 -19.32 14.86 11.20
C PHE A 175 -19.73 13.52 11.82
N ALA B 1 18.67 23.78 -27.73
CA ALA B 1 18.86 25.06 -27.05
C ALA B 1 18.21 25.07 -25.69
N ASP B 2 18.59 26.04 -24.87
CA ASP B 2 18.04 26.18 -23.52
C ASP B 2 16.53 26.40 -23.51
N THR B 3 15.92 26.24 -22.35
CA THR B 3 14.49 26.42 -22.19
C THR B 3 14.19 26.78 -20.74
N ASN B 4 13.48 27.89 -20.55
CA ASN B 4 13.12 28.36 -19.22
C ASN B 4 12.17 27.39 -18.53
N ALA B 5 11.39 26.67 -19.33
CA ALA B 5 10.45 25.68 -18.82
C ALA B 5 11.02 24.28 -19.02
N PRO B 6 11.56 23.69 -17.93
CA PRO B 6 12.14 22.34 -17.97
C PRO B 6 11.08 21.24 -18.00
N ILE B 7 11.52 20.02 -18.27
CA ILE B 7 10.58 18.88 -18.31
C ILE B 7 10.87 17.89 -17.18
N CYS B 8 9.83 17.63 -16.39
CA CYS B 8 9.94 16.79 -15.23
C CYS B 8 8.98 15.60 -15.25
N LEU B 9 9.02 14.84 -14.17
CA LEU B 9 8.15 13.69 -13.98
C LEU B 9 6.79 14.39 -13.90
N CYS B 10 5.76 13.82 -14.52
CA CYS B 10 4.45 14.50 -14.49
C CYS B 10 4.32 15.73 -15.38
N ASP B 11 5.21 15.93 -16.37
CA ASP B 11 5.04 17.08 -17.27
C ASP B 11 4.31 16.69 -18.57
N GLU B 12 3.73 17.68 -19.25
CA GLU B 12 2.98 17.46 -20.49
C GLU B 12 1.61 16.89 -20.13
N PRO B 13 0.54 17.38 -20.80
CA PRO B 13 -0.84 16.92 -20.55
C PRO B 13 -1.15 15.44 -20.67
N GLY B 14 -0.12 14.62 -20.90
CA GLY B 14 -0.33 13.18 -21.02
C GLY B 14 -0.58 12.49 -19.69
N VAL B 15 0.09 12.93 -18.64
CA VAL B 15 -0.07 12.33 -17.32
C VAL B 15 -1.38 12.73 -16.66
N LEU B 16 -2.32 11.79 -16.58
CA LEU B 16 -3.63 12.04 -15.98
C LEU B 16 -4.22 10.72 -15.51
N GLY B 17 -5.47 10.78 -15.03
CA GLY B 17 -6.16 9.59 -14.56
C GLY B 17 -6.19 8.57 -15.68
N ARG B 18 -6.72 8.98 -16.84
CA ARG B 18 -6.78 8.10 -18.00
C ARG B 18 -5.36 7.90 -18.53
N THR B 19 -4.74 8.99 -18.95
CA THR B 19 -3.36 9.00 -19.46
C THR B 19 -3.10 8.31 -20.80
N GLN B 20 -1.94 8.62 -21.38
CA GLN B 20 -1.54 8.06 -22.67
C GLN B 20 -1.35 6.55 -22.57
N ILE B 21 -2.11 5.82 -23.37
CA ILE B 21 -2.11 4.36 -23.46
C ILE B 21 -2.38 3.59 -22.16
N VAL B 22 -2.40 4.28 -21.03
CA VAL B 22 -2.66 3.64 -19.74
C VAL B 22 -4.17 3.42 -19.61
N THR B 23 -4.70 2.62 -20.52
CA THR B 23 -6.12 2.28 -20.60
C THR B 23 -6.54 1.58 -19.33
N THR B 24 -7.84 1.61 -19.05
CA THR B 24 -8.39 0.92 -17.89
C THR B 24 -8.09 -0.57 -18.06
N GLU B 25 -7.73 -0.96 -19.27
CA GLU B 25 -7.38 -2.33 -19.60
C GLU B 25 -6.00 -2.59 -19.02
N ILE B 26 -5.09 -1.64 -19.20
CA ILE B 26 -3.75 -1.78 -18.65
C ILE B 26 -3.84 -1.65 -17.12
N LYS B 27 -4.44 -0.56 -16.67
CA LYS B 27 -4.61 -0.30 -15.25
C LYS B 27 -5.02 -1.54 -14.51
N ASP B 28 -6.11 -2.16 -14.94
CA ASP B 28 -6.60 -3.37 -14.29
C ASP B 28 -5.62 -4.52 -14.25
N LYS B 29 -4.91 -4.72 -15.36
CA LYS B 29 -3.92 -5.79 -15.47
C LYS B 29 -2.86 -5.56 -14.37
N ILE B 30 -2.43 -4.31 -14.23
CA ILE B 30 -1.45 -3.95 -13.20
C ILE B 30 -1.99 -4.16 -11.77
N GLU B 31 -3.22 -3.72 -11.56
CA GLU B 31 -3.85 -3.86 -10.26
C GLU B 31 -3.85 -5.31 -9.83
N LYS B 32 -4.25 -6.18 -10.75
CA LYS B 32 -4.30 -7.58 -10.41
C LYS B 32 -2.91 -8.17 -10.18
N ALA B 33 -1.91 -7.71 -10.95
CA ALA B 33 -0.53 -8.17 -10.75
C ALA B 33 -0.04 -7.72 -9.36
N VAL B 34 -0.35 -6.49 -8.97
CA VAL B 34 0.06 -6.03 -7.64
C VAL B 34 -0.68 -6.81 -6.55
N GLU B 35 -1.97 -7.08 -6.76
CA GLU B 35 -2.73 -7.86 -5.76
C GLU B 35 -2.13 -9.22 -5.57
N ALA B 36 -1.72 -9.84 -6.67
CA ALA B 36 -1.11 -11.17 -6.61
C ALA B 36 0.11 -11.12 -5.72
N VAL B 37 0.91 -10.06 -5.84
CA VAL B 37 2.11 -9.95 -5.00
C VAL B 37 1.71 -9.83 -3.53
N ALA B 38 0.70 -8.99 -3.26
CA ALA B 38 0.24 -8.82 -1.88
C ALA B 38 -0.25 -10.17 -1.32
N GLN B 39 -1.03 -10.90 -2.10
CA GLN B 39 -1.58 -12.21 -1.71
C GLN B 39 -0.54 -13.28 -1.42
N GLU B 40 0.46 -13.40 -2.28
CA GLU B 40 1.51 -14.40 -2.07
C GLU B 40 2.54 -13.93 -1.05
N SER B 41 2.75 -12.62 -0.97
CA SER B 41 3.74 -12.08 -0.04
C SER B 41 3.28 -12.21 1.40
N GLY B 42 2.36 -11.35 1.82
CA GLY B 42 1.88 -11.39 3.20
C GLY B 42 2.84 -10.80 4.21
N VAL B 43 4.13 -11.12 4.09
CA VAL B 43 5.16 -10.63 4.99
C VAL B 43 5.06 -9.10 5.14
N SER B 44 4.93 -8.66 6.39
CA SER B 44 4.82 -7.24 6.69
C SER B 44 5.34 -6.91 8.07
N GLY B 45 5.42 -5.62 8.39
CA GLY B 45 5.90 -5.18 9.69
C GLY B 45 5.94 -3.67 9.73
N ARG B 46 6.27 -3.11 10.90
CA ARG B 46 6.34 -1.66 11.05
C ARG B 46 7.57 -1.11 10.35
N GLY B 47 7.43 0.05 9.72
CA GLY B 47 8.53 0.66 9.00
C GLY B 47 9.03 -0.29 7.93
N PHE B 48 8.10 -0.89 7.21
CA PHE B 48 8.40 -1.86 6.16
C PHE B 48 7.35 -1.70 5.05
N SER B 49 6.99 -2.83 4.44
CA SER B 49 5.99 -2.90 3.39
C SER B 49 5.72 -4.39 3.16
N ILE B 50 4.51 -4.69 2.68
CA ILE B 50 4.13 -6.05 2.42
C ILE B 50 4.82 -6.47 1.12
N PHE B 51 5.31 -5.47 0.37
CA PHE B 51 5.96 -5.74 -0.90
C PHE B 51 7.47 -6.00 -0.84
N SER B 52 8.05 -5.83 0.35
CA SER B 52 9.49 -6.03 0.60
C SER B 52 10.02 -7.49 0.53
N HIS B 53 9.12 -8.41 0.20
CA HIS B 53 9.41 -9.84 0.08
C HIS B 53 9.64 -10.18 -1.41
N HIS B 54 9.28 -9.24 -2.28
CA HIS B 54 9.41 -9.38 -3.74
C HIS B 54 10.65 -8.58 -4.10
N PRO B 55 11.58 -9.16 -4.87
CA PRO B 55 12.84 -8.55 -5.31
C PRO B 55 12.77 -7.20 -6.06
N VAL B 56 11.84 -7.02 -6.99
CA VAL B 56 11.74 -5.72 -7.64
C VAL B 56 11.34 -4.66 -6.61
N PHE B 57 10.32 -4.96 -5.82
CA PHE B 57 9.83 -4.02 -4.82
C PHE B 57 10.83 -3.73 -3.70
N ARG B 58 11.57 -4.73 -3.23
CA ARG B 58 12.54 -4.46 -2.18
C ARG B 58 13.63 -3.50 -2.69
N GLU B 59 13.93 -3.55 -3.98
CA GLU B 59 14.92 -2.68 -4.59
C GLU B 59 14.42 -1.25 -4.82
N CYS B 60 13.36 -1.08 -5.61
CA CYS B 60 12.87 0.27 -5.90
C CYS B 60 11.45 0.64 -5.49
N GLY B 61 10.88 -0.03 -4.48
CA GLY B 61 9.54 0.32 -4.08
C GLY B 61 9.49 1.23 -2.89
N LYS B 62 10.51 2.06 -2.72
CA LYS B 62 10.51 2.93 -1.54
C LYS B 62 9.93 4.34 -1.69
N TYR B 63 9.33 4.67 -2.84
CA TYR B 63 8.70 5.98 -3.03
C TYR B 63 7.20 5.85 -2.90
N GLU B 64 6.78 4.95 -2.02
CA GLU B 64 5.39 4.73 -1.73
C GLU B 64 4.80 6.05 -1.22
N CYS B 65 3.65 6.47 -1.75
CA CYS B 65 3.03 7.74 -1.36
C CYS B 65 2.83 8.02 0.11
N ARG B 66 2.47 7.00 0.89
CA ARG B 66 2.26 7.21 2.32
C ARG B 66 3.51 7.55 3.12
N THR B 67 4.70 7.23 2.61
CA THR B 67 5.90 7.51 3.35
C THR B 67 6.68 8.70 2.81
N VAL B 68 6.41 9.06 1.57
CA VAL B 68 7.12 10.14 0.90
C VAL B 68 6.79 11.52 1.40
N ARG B 69 7.83 12.33 1.58
CA ARG B 69 7.70 13.73 2.02
C ARG B 69 8.26 14.57 0.87
N PRO B 70 7.82 15.82 0.75
CA PRO B 70 8.32 16.66 -0.34
C PRO B 70 9.85 16.79 -0.40
N GLU B 71 10.45 16.98 0.76
CA GLU B 71 11.89 17.18 0.85
C GLU B 71 12.73 15.95 0.52
N HIS B 72 12.10 14.77 0.48
CA HIS B 72 12.83 13.56 0.15
C HIS B 72 13.28 13.59 -1.28
N SER B 73 12.68 14.44 -2.11
CA SER B 73 13.08 14.51 -3.50
C SER B 73 13.86 15.78 -3.85
N ARG B 74 14.27 16.51 -2.84
CA ARG B 74 15.11 17.72 -3.01
C ARG B 74 16.52 17.21 -3.41
N CYS B 75 17.21 17.98 -4.23
CA CYS B 75 18.55 17.57 -4.69
C CYS B 75 19.52 17.15 -3.57
N TYR B 76 19.48 17.80 -2.42
CA TYR B 76 20.39 17.43 -1.36
C TYR B 76 20.14 16.03 -0.79
N ASN B 77 19.10 15.36 -1.28
CA ASN B 77 18.78 13.99 -0.84
C ASN B 77 19.21 12.95 -1.84
N PHE B 78 19.95 13.38 -2.86
CA PHE B 78 20.47 12.50 -3.90
C PHE B 78 21.95 12.80 -3.93
N PRO B 79 22.76 11.80 -4.26
CA PRO B 79 24.22 12.02 -4.33
C PRO B 79 24.54 13.14 -5.32
N PRO B 80 25.55 13.96 -5.01
CA PRO B 80 26.45 14.01 -3.86
C PRO B 80 25.92 14.65 -2.60
N PHE B 81 24.60 14.63 -2.40
CA PHE B 81 23.98 15.18 -1.20
C PHE B 81 24.50 16.56 -0.81
N THR B 82 24.60 17.48 -1.76
CA THR B 82 25.08 18.80 -1.37
C THR B 82 23.98 19.84 -1.47
N HIS B 83 24.06 20.82 -0.57
CA HIS B 83 23.12 21.93 -0.50
C HIS B 83 23.58 23.03 -1.43
N PHE B 84 22.66 23.90 -1.86
CA PHE B 84 22.99 25.01 -2.77
C PHE B 84 23.37 26.30 -2.01
N LYS B 85 24.23 27.13 -2.61
CA LYS B 85 24.60 28.40 -2.01
C LYS B 85 23.42 29.34 -2.21
N SER B 86 22.98 29.45 -3.46
CA SER B 86 21.86 30.30 -3.80
C SER B 86 20.93 29.50 -4.68
N GLU B 87 19.71 29.28 -4.20
CA GLU B 87 18.73 28.57 -5.04
C GLU B 87 17.63 29.53 -5.43
N CYS B 88 17.29 29.58 -6.70
CA CYS B 88 16.21 30.42 -7.16
C CYS B 88 14.90 29.91 -6.55
N PRO B 89 13.81 30.69 -6.67
CA PRO B 89 12.54 30.22 -6.09
C PRO B 89 12.07 28.95 -6.76
N VAL B 90 11.45 28.12 -5.93
CA VAL B 90 10.95 26.82 -6.34
C VAL B 90 9.41 26.69 -6.26
N SER B 91 8.86 25.85 -7.13
CA SER B 91 7.45 25.52 -7.16
C SER B 91 7.45 24.03 -6.84
N THR B 92 6.83 23.63 -5.74
CA THR B 92 6.78 22.23 -5.35
C THR B 92 5.39 21.64 -5.60
N ARG B 93 5.34 20.58 -6.41
CA ARG B 93 4.09 19.89 -6.77
C ARG B 93 4.18 18.39 -6.54
N ASP B 94 3.11 17.81 -6.03
CA ASP B 94 3.11 16.39 -5.80
C ASP B 94 2.99 15.80 -7.17
N CYS B 95 3.50 14.58 -7.31
CA CYS B 95 3.49 13.91 -8.58
C CYS B 95 3.35 12.42 -8.29
N GLU B 96 2.36 11.81 -8.93
CA GLU B 96 2.06 10.39 -8.85
C GLU B 96 1.94 9.98 -10.34
N PRO B 97 3.09 9.84 -11.03
CA PRO B 97 3.12 9.49 -12.45
C PRO B 97 2.63 8.13 -12.84
N VAL B 98 1.99 8.06 -14.00
CA VAL B 98 1.47 6.82 -14.53
C VAL B 98 2.37 6.34 -15.67
N PHE B 99 3.22 7.22 -16.15
CA PHE B 99 4.18 6.82 -17.16
C PHE B 99 5.32 7.83 -17.14
N GLY B 100 6.44 7.48 -17.76
CA GLY B 100 7.59 8.37 -17.83
C GLY B 100 8.60 7.89 -18.85
N TYR B 101 9.60 8.71 -19.08
CA TYR B 101 10.65 8.34 -20.00
C TYR B 101 11.86 8.03 -19.14
N THR B 102 12.41 6.85 -19.32
CA THR B 102 13.57 6.44 -18.53
C THR B 102 14.73 7.33 -18.89
N VAL B 103 15.79 7.24 -18.09
CA VAL B 103 17.00 8.00 -18.35
C VAL B 103 17.49 7.70 -19.78
N ALA B 104 17.11 6.55 -20.34
CA ALA B 104 17.48 6.15 -21.70
C ALA B 104 16.46 6.60 -22.73
N GLY B 105 15.52 7.45 -22.31
CA GLY B 105 14.51 7.96 -23.21
C GLY B 105 13.36 7.04 -23.58
N GLU B 106 13.26 5.87 -22.98
CA GLU B 106 12.18 4.95 -23.30
C GLU B 106 10.88 5.25 -22.55
N PHE B 107 9.76 4.98 -23.18
CA PHE B 107 8.47 5.18 -22.54
C PHE B 107 8.32 3.97 -21.61
N ARG B 108 7.80 4.20 -20.41
CA ARG B 108 7.55 3.11 -19.46
C ARG B 108 6.33 3.43 -18.61
N VAL B 109 5.52 2.42 -18.33
CA VAL B 109 4.36 2.61 -17.47
C VAL B 109 4.85 2.51 -16.00
N ILE B 110 4.60 3.55 -15.21
CA ILE B 110 4.97 3.54 -13.81
C ILE B 110 3.77 2.98 -13.04
N VAL B 111 4.01 1.94 -12.23
CA VAL B 111 2.98 1.26 -11.46
C VAL B 111 2.25 2.15 -10.47
N GLN B 112 0.92 2.19 -10.57
CA GLN B 112 0.08 2.96 -9.68
C GLN B 112 -1.13 2.05 -9.46
N ALA B 113 -1.27 1.49 -8.27
CA ALA B 113 -2.38 0.57 -7.98
C ALA B 113 -2.97 0.92 -6.62
N PRO B 114 -3.73 2.02 -6.56
CA PRO B 114 -4.38 2.54 -5.36
C PRO B 114 -5.16 1.47 -4.60
N ARG B 115 -5.94 0.69 -5.35
CA ARG B 115 -6.79 -0.38 -4.79
C ARG B 115 -6.07 -1.57 -4.15
N ALA B 116 -4.80 -1.80 -4.50
CA ALA B 116 -4.02 -2.89 -3.90
C ALA B 116 -2.99 -2.34 -2.88
N GLY B 117 -3.02 -1.04 -2.65
CA GLY B 117 -2.11 -0.46 -1.66
C GLY B 117 -0.71 -0.08 -2.09
N PHE B 118 -0.51 0.15 -3.38
CA PHE B 118 0.80 0.57 -3.86
C PHE B 118 0.68 1.79 -4.80
N ARG B 119 1.13 2.94 -4.32
CA ARG B 119 1.12 4.20 -5.07
C ARG B 119 2.52 4.80 -4.97
N GLN B 120 3.01 5.34 -6.07
CA GLN B 120 4.33 5.95 -6.08
C GLN B 120 4.22 7.45 -6.28
N CYS B 121 4.88 8.18 -5.38
CA CYS B 121 4.91 9.63 -5.39
C CYS B 121 6.35 10.14 -5.36
N VAL B 122 6.63 11.16 -6.18
CA VAL B 122 7.92 11.85 -6.22
C VAL B 122 7.59 13.34 -6.48
N TRP B 123 7.66 14.16 -5.43
CA TRP B 123 7.37 15.58 -5.54
C TRP B 123 8.38 16.26 -6.44
N GLN B 124 7.86 17.05 -7.37
CA GLN B 124 8.68 17.80 -8.29
C GLN B 124 8.92 19.20 -7.76
N HIS B 125 10.19 19.63 -7.85
CA HIS B 125 10.61 20.96 -7.41
C HIS B 125 11.16 21.69 -8.64
N LYS B 126 10.31 22.51 -9.26
CA LYS B 126 10.67 23.24 -10.46
C LYS B 126 11.02 24.69 -10.19
N CYS B 127 11.80 25.26 -11.11
CA CYS B 127 12.17 26.68 -11.03
C CYS B 127 10.83 27.41 -11.18
N ARG B 128 10.46 28.22 -10.18
CA ARG B 128 9.21 28.95 -10.28
C ARG B 128 9.29 29.85 -11.53
N PHE B 129 10.41 30.60 -11.65
CA PHE B 129 10.68 31.49 -12.80
C PHE B 129 12.05 30.98 -13.27
N GLY B 130 12.04 30.23 -14.36
CA GLY B 130 13.28 29.66 -14.86
C GLY B 130 14.16 30.58 -15.67
N SER B 131 15.42 30.17 -15.82
CA SER B 131 16.42 30.91 -16.60
C SER B 131 16.66 32.40 -16.30
N ASN B 132 15.77 33.06 -15.58
CA ASN B 132 16.01 34.46 -15.30
C ASN B 132 17.26 34.60 -14.44
N SER B 133 17.85 35.80 -14.48
CA SER B 133 19.06 36.09 -13.73
C SER B 133 18.77 35.96 -12.23
N CYS B 134 19.74 35.42 -11.51
CA CYS B 134 19.59 35.20 -10.08
C CYS B 134 20.74 35.76 -9.22
N GLY B 135 21.96 35.38 -9.57
CA GLY B 135 23.12 35.89 -8.86
C GLY B 135 23.75 37.06 -9.61
N TYR B 136 25.08 37.11 -9.55
CA TYR B 136 25.87 38.15 -10.20
C TYR B 136 25.90 37.88 -11.69
N ASN B 137 26.08 36.61 -12.03
CA ASN B 137 26.17 36.17 -13.41
C ASN B 137 25.39 34.88 -13.66
N GLY B 138 24.73 34.38 -12.61
CA GLY B 138 23.98 33.14 -12.74
C GLY B 138 22.70 33.18 -13.55
N ARG B 139 22.18 32.00 -13.84
CA ARG B 139 20.95 31.82 -14.58
C ARG B 139 20.21 30.67 -13.89
N CYS B 140 18.97 30.91 -13.47
CA CYS B 140 18.20 29.88 -12.76
C CYS B 140 18.09 28.58 -13.58
N THR B 141 18.68 27.51 -13.06
CA THR B 141 18.67 26.24 -13.80
C THR B 141 17.92 25.11 -13.09
N GLN B 142 17.11 24.40 -13.85
CA GLN B 142 16.40 23.28 -13.30
C GLN B 142 17.40 22.17 -13.02
N GLN B 143 17.52 21.75 -11.77
CA GLN B 143 18.40 20.66 -11.41
C GLN B 143 17.57 19.37 -11.39
N ARG B 144 17.98 18.35 -12.14
CA ARG B 144 17.27 17.09 -12.14
C ARG B 144 18.14 16.06 -11.45
N SER B 145 17.54 14.97 -11.02
CA SER B 145 18.27 13.89 -10.37
C SER B 145 17.67 12.60 -10.91
N VAL B 146 18.16 11.44 -10.46
CA VAL B 146 17.65 10.16 -10.93
C VAL B 146 17.02 9.38 -9.81
N VAL B 147 15.81 8.87 -10.06
CA VAL B 147 15.08 8.09 -9.07
C VAL B 147 14.65 6.79 -9.75
N ARG B 148 14.63 5.69 -9.01
CA ARG B 148 14.21 4.43 -9.59
C ARG B 148 12.81 4.11 -9.10
N LEU B 149 11.93 3.73 -10.01
CA LEU B 149 10.54 3.44 -9.63
C LEU B 149 10.12 2.10 -10.20
N VAL B 150 9.15 1.48 -9.55
CA VAL B 150 8.66 0.18 -10.03
C VAL B 150 7.87 0.44 -11.34
N THR B 151 8.23 -0.28 -12.40
CA THR B 151 7.52 -0.16 -13.66
C THR B 151 6.87 -1.50 -14.03
N TYR B 152 5.98 -1.47 -15.01
CA TYR B 152 5.31 -2.68 -15.45
C TYR B 152 5.72 -2.91 -16.88
N ASN B 153 6.44 -3.99 -17.12
CA ASN B 153 6.86 -4.34 -18.47
C ASN B 153 5.71 -5.00 -19.20
N LEU B 154 5.28 -4.35 -20.28
CA LEU B 154 4.17 -4.82 -21.09
C LEU B 154 4.46 -6.21 -21.65
N GLU B 155 5.62 -6.34 -22.29
CA GLU B 155 6.05 -7.59 -22.91
C GLU B 155 5.91 -8.83 -22.03
N LYS B 156 6.70 -8.86 -20.97
CA LYS B 156 6.71 -10.00 -20.05
C LYS B 156 5.69 -9.84 -18.91
N ASP B 157 4.73 -8.93 -19.10
CA ASP B 157 3.71 -8.58 -18.10
C ASP B 157 4.14 -8.89 -16.65
N GLY B 158 5.14 -8.11 -16.21
CA GLY B 158 5.70 -8.25 -14.88
C GLY B 158 6.34 -6.95 -14.39
N PHE B 159 6.99 -6.97 -13.25
CA PHE B 159 7.58 -5.75 -12.71
C PHE B 159 9.06 -5.58 -12.93
N LEU B 160 9.47 -4.32 -13.16
CA LEU B 160 10.87 -3.98 -13.38
C LEU B 160 11.20 -2.62 -12.84
N CYS B 161 12.35 -2.48 -12.21
CA CYS B 161 12.82 -1.17 -11.76
C CYS B 161 13.40 -0.39 -12.96
N GLU B 162 13.12 0.90 -13.02
CA GLU B 162 13.69 1.71 -14.09
C GLU B 162 14.13 3.03 -13.48
N SER B 163 15.01 3.74 -14.18
CA SER B 163 15.55 5.02 -13.71
C SER B 163 14.94 6.18 -14.46
N PHE B 164 14.47 7.17 -13.71
CA PHE B 164 13.83 8.37 -14.24
C PHE B 164 14.44 9.63 -13.70
N ARG B 165 14.44 10.68 -14.52
CA ARG B 165 14.97 11.96 -14.06
C ARG B 165 13.83 12.63 -13.32
N THR B 166 14.14 13.26 -12.19
CA THR B 166 13.17 13.93 -11.37
C THR B 166 13.68 15.35 -11.06
N CYS B 167 12.79 16.35 -11.05
CA CYS B 167 13.17 17.74 -10.76
C CYS B 167 13.30 17.96 -9.28
N CYS B 168 14.53 18.19 -8.84
CA CYS B 168 14.83 18.31 -7.44
C CYS B 168 15.15 19.69 -6.90
N GLY B 169 15.41 20.64 -7.79
CA GLY B 169 15.75 21.96 -7.33
C GLY B 169 16.01 22.91 -8.48
N CYS B 170 16.31 24.14 -8.13
CA CYS B 170 16.56 25.20 -9.10
C CYS B 170 17.71 26.07 -8.62
N PRO B 171 18.94 25.57 -8.75
CA PRO B 171 20.04 26.41 -8.29
C PRO B 171 20.37 27.62 -9.19
N CYS B 172 20.88 28.66 -8.56
CA CYS B 172 21.31 29.81 -9.31
C CYS B 172 22.71 29.42 -9.77
N ARG B 173 22.83 29.01 -11.03
CA ARG B 173 24.11 28.59 -11.57
C ARG B 173 24.99 29.70 -12.05
N SER B 174 25.64 30.38 -11.11
CA SER B 174 26.54 31.48 -11.41
C SER B 174 27.94 30.91 -11.72
N PHE B 175 28.92 31.79 -11.84
CA PHE B 175 30.31 31.42 -12.12
C PHE B 175 31.23 32.62 -11.80
#